data_6Z4V
#
_entry.id   6Z4V
#
_cell.length_a   69.223
_cell.length_b   77.533
_cell.length_c   111.858
_cell.angle_alpha   90.000
_cell.angle_beta   107.219
_cell.angle_gamma   90.000
#
_symmetry.space_group_name_H-M   'C 1 2 1'
#
loop_
_entity.id
_entity.type
_entity.pdbx_description
1 polymer 'Neurotensin receptor type 1,Neurotensin receptor type 1,DARPin'
2 polymer ARG-PRO-TYR-ILE-LEU
#
loop_
_entity_poly.entity_id
_entity_poly.type
_entity_poly.pdbx_seq_one_letter_code
_entity_poly.pdbx_strand_id
1 'polypeptide(L)'
;GPGSGPNSDLDVNTDIYSKVLVTAIYLALFVVGTVGNGVTLFTLARKKSLQSLQSRVDYYLGSLALSDLLILLFALPVEL
YNFIWVHHPWAFGDAGCKGYYFLRDACTYATALNVVSLSVELYLAICHPFKAKTLMSRSRTKKFISAIWLASALLAIPML
FTMGLQNLSGDGTHPGGLVCTPIVDTATLRVVIQLNTFMSFLFPMLVASILNTVAARRLTVMVHQAAFNMTIEPGRVQAL
RRGVLVLRAVVIAFVVCWLPYHVRRLMFVYISDEQWTTALFDFYHYFYMLSNALFYVSSAINPILYNLAEDLVEDWEKAR
KLLEAARKGQDDEVRILLANGADVNTADETGFTPLHLAAWEGHLGIVEVLLKNGADVNANDERGHTPLHLAAYTGHLEIV
EVLLKNGAGVNATDVIGTAPLHLAAMWGHLEIVEVLLKNGADVNAQDKFGKTPFDLAIDNGNEDIAEVLQKAATRELEVL
FQ
;
AAA
2 'polypeptide(L)' RRPYIL BBB
#
# COMPACT_ATOMS: atom_id res chain seq x y z
N ASN A 7 47.55 14.21 -17.92
CA ASN A 7 46.63 13.71 -18.99
C ASN A 7 45.43 14.67 -19.10
N SER A 8 45.70 15.93 -19.46
CA SER A 8 44.77 17.10 -19.43
C SER A 8 43.45 16.80 -20.14
N ASP A 9 43.48 16.00 -21.22
CA ASP A 9 42.30 15.65 -22.06
C ASP A 9 41.24 14.92 -21.22
N LEU A 10 41.64 14.22 -20.16
CA LEU A 10 40.76 13.31 -19.38
C LEU A 10 40.27 13.96 -18.09
N ASP A 11 40.69 15.20 -17.80
CA ASP A 11 40.30 15.94 -16.57
C ASP A 11 38.85 16.42 -16.71
N VAL A 12 38.14 16.56 -15.56
CA VAL A 12 36.67 16.86 -15.50
C VAL A 12 36.44 18.35 -15.19
N ASN A 13 37.12 18.90 -14.19
CA ASN A 13 37.01 20.34 -13.81
C ASN A 13 35.60 20.61 -13.25
N THR A 14 35.19 19.83 -12.25
CA THR A 14 34.11 20.18 -11.30
C THR A 14 34.78 20.81 -10.09
N ASP A 15 34.19 21.88 -9.54
CA ASP A 15 34.81 22.63 -8.41
C ASP A 15 34.80 21.74 -7.17
N ILE A 16 35.75 21.96 -6.27
CA ILE A 16 35.98 21.17 -5.02
C ILE A 16 34.69 21.15 -4.19
N TYR A 17 34.06 22.31 -4.01
CA TYR A 17 32.85 22.46 -3.16
C TYR A 17 31.80 21.47 -3.65
N SER A 18 31.52 21.52 -4.95
CA SER A 18 30.62 20.60 -5.70
C SER A 18 30.83 19.17 -5.20
N LYS A 19 32.07 18.70 -5.19
CA LYS A 19 32.44 17.33 -4.74
C LYS A 19 32.17 17.18 -3.25
N VAL A 20 32.59 18.16 -2.44
CA VAL A 20 32.41 18.15 -0.95
C VAL A 20 30.92 18.04 -0.64
N LEU A 21 30.09 18.80 -1.35
CA LEU A 21 28.61 18.84 -1.16
C LEU A 21 28.01 17.47 -1.48
N VAL A 22 28.42 16.87 -2.59
CA VAL A 22 27.91 15.54 -3.05
C VAL A 22 28.40 14.46 -2.07
N THR A 23 29.60 14.62 -1.53
CA THR A 23 30.21 13.71 -0.53
C THR A 23 29.39 13.74 0.76
N ALA A 24 29.02 14.94 1.23
CA ALA A 24 28.15 15.14 2.40
C ALA A 24 26.81 14.42 2.17
N ILE A 25 26.25 14.59 0.97
CA ILE A 25 24.92 14.01 0.61
C ILE A 25 25.06 12.49 0.50
N TYR A 26 26.12 11.99 -0.17
CA TYR A 26 26.37 10.54 -0.36
C TYR A 26 26.54 9.86 1.00
N LEU A 27 27.38 10.40 1.89
CA LEU A 27 27.60 9.86 3.26
C LEU A 27 26.28 9.81 4.03
N ALA A 28 25.47 10.87 3.93
CA ALA A 28 24.13 10.93 4.57
C ALA A 28 23.32 9.73 4.09
N LEU A 29 23.17 9.58 2.78
CA LEU A 29 22.37 8.49 2.16
C LEU A 29 22.94 7.12 2.57
N PHE A 30 24.26 7.00 2.70
CA PHE A 30 24.96 5.71 2.96
C PHE A 30 24.73 5.28 4.41
N VAL A 31 25.03 6.15 5.38
CA VAL A 31 25.00 5.78 6.83
C VAL A 31 23.55 5.54 7.26
N VAL A 32 22.59 6.28 6.68
CA VAL A 32 21.14 6.13 7.01
C VAL A 32 20.54 5.01 6.16
N GLY A 33 20.87 4.96 4.86
CA GLY A 33 20.28 4.01 3.88
C GLY A 33 20.68 2.59 4.17
N THR A 34 21.98 2.34 4.41
CA THR A 34 22.54 1.02 4.79
C THR A 34 21.88 0.53 6.08
N VAL A 35 21.95 1.34 7.15
CA VAL A 35 21.27 1.06 8.46
C VAL A 35 19.79 0.75 8.15
N GLY A 36 19.09 1.70 7.51
CA GLY A 36 17.66 1.58 7.15
C GLY A 36 17.34 0.26 6.48
N ASN A 37 18.06 -0.07 5.40
CA ASN A 37 17.77 -1.26 4.56
C ASN A 37 18.25 -2.52 5.29
N GLY A 38 19.30 -2.40 6.12
CA GLY A 38 19.79 -3.48 6.99
C GLY A 38 18.73 -3.90 8.00
N VAL A 39 18.20 -2.94 8.76
CA VAL A 39 17.18 -3.17 9.84
C VAL A 39 15.90 -3.74 9.21
N THR A 40 15.59 -3.35 7.97
CA THR A 40 14.38 -3.82 7.22
C THR A 40 14.51 -5.34 6.99
N LEU A 41 15.66 -5.80 6.49
CA LEU A 41 15.95 -7.25 6.29
C LEU A 41 16.00 -7.96 7.65
N PHE A 42 16.82 -7.47 8.58
CA PHE A 42 17.00 -8.04 9.94
C PHE A 42 15.63 -8.28 10.59
N THR A 43 14.69 -7.35 10.39
CA THR A 43 13.34 -7.37 11.02
C THR A 43 12.45 -8.42 10.35
N LEU A 44 12.61 -8.65 9.05
CA LEU A 44 11.84 -9.70 8.30
C LEU A 44 12.42 -11.07 8.65
N ALA A 45 13.75 -11.19 8.74
CA ALA A 45 14.45 -12.41 9.19
C ALA A 45 13.87 -12.85 10.54
N ARG A 46 13.73 -11.91 11.49
CA ARG A 46 13.12 -12.13 12.82
C ARG A 46 11.65 -12.58 12.65
N LYS A 47 10.84 -11.78 11.96
CA LYS A 47 9.38 -12.04 11.74
C LYS A 47 9.20 -12.95 10.53
N ARG A 56 4.16 -12.93 2.49
CA ARG A 56 3.91 -12.86 1.03
C ARG A 56 4.50 -11.55 0.48
N VAL A 57 4.00 -10.42 0.98
CA VAL A 57 4.49 -9.04 0.69
C VAL A 57 5.91 -8.91 1.23
N ASP A 58 6.20 -9.55 2.37
CA ASP A 58 7.51 -9.50 3.08
C ASP A 58 8.62 -10.04 2.18
N TYR A 59 8.31 -11.04 1.36
CA TYR A 59 9.27 -11.63 0.38
C TYR A 59 9.66 -10.54 -0.63
N TYR A 60 8.70 -9.74 -1.07
CA TYR A 60 8.94 -8.63 -2.03
C TYR A 60 9.79 -7.55 -1.37
N LEU A 61 9.43 -7.12 -0.16
CA LEU A 61 10.10 -5.99 0.56
C LEU A 61 11.54 -6.40 0.93
N GLY A 62 11.80 -7.69 1.13
CA GLY A 62 13.15 -8.24 1.34
C GLY A 62 14.06 -8.00 0.15
N SER A 63 13.64 -8.39 -1.06
CA SER A 63 14.37 -8.14 -2.33
C SER A 63 14.71 -6.65 -2.44
N LEU A 64 13.70 -5.78 -2.37
CA LEU A 64 13.85 -4.31 -2.52
C LEU A 64 14.89 -3.82 -1.50
N ALA A 65 14.73 -4.19 -0.24
CA ALA A 65 15.67 -3.86 0.86
C ALA A 65 17.07 -4.37 0.51
N LEU A 66 17.17 -5.56 -0.09
CA LEU A 66 18.47 -6.21 -0.41
C LEU A 66 19.12 -5.53 -1.61
N SER A 67 18.40 -5.29 -2.71
CA SER A 67 18.98 -4.66 -3.93
C SER A 67 19.54 -3.28 -3.56
N ASP A 68 18.80 -2.50 -2.75
CA ASP A 68 19.22 -1.14 -2.32
C ASP A 68 20.45 -1.26 -1.42
N LEU A 69 20.42 -2.14 -0.43
CA LEU A 69 21.56 -2.36 0.51
C LEU A 69 22.82 -2.69 -0.30
N LEU A 70 22.71 -3.54 -1.32
CA LEU A 70 23.85 -3.95 -2.18
C LEU A 70 24.37 -2.73 -2.96
N ILE A 71 23.46 -1.90 -3.44
CA ILE A 71 23.76 -0.68 -4.24
C ILE A 71 24.46 0.35 -3.34
N LEU A 72 23.94 0.60 -2.14
CA LEU A 72 24.48 1.65 -1.25
C LEU A 72 25.80 1.19 -0.63
N LEU A 73 26.00 -0.12 -0.45
CA LEU A 73 27.21 -0.67 0.20
C LEU A 73 28.36 -0.80 -0.79
N PHE A 74 28.10 -1.11 -2.06
CA PHE A 74 29.19 -1.46 -3.02
C PHE A 74 29.32 -0.40 -4.12
N ALA A 75 28.24 0.00 -4.78
CA ALA A 75 28.26 1.00 -5.87
C ALA A 75 28.73 2.36 -5.33
N LEU A 76 28.08 2.88 -4.28
CA LEU A 76 28.19 4.30 -3.86
C LEU A 76 29.62 4.63 -3.38
N PRO A 77 30.29 3.77 -2.56
CA PRO A 77 31.67 4.04 -2.15
C PRO A 77 32.62 4.08 -3.35
N VAL A 78 32.49 3.11 -4.24
CA VAL A 78 33.28 3.00 -5.51
C VAL A 78 33.04 4.26 -6.33
N GLU A 79 31.77 4.61 -6.56
CA GLU A 79 31.37 5.77 -7.40
C GLU A 79 31.88 7.07 -6.78
N LEU A 80 31.76 7.23 -5.46
CA LEU A 80 32.21 8.46 -4.78
C LEU A 80 33.71 8.66 -5.04
N TYR A 81 34.49 7.58 -5.05
CA TYR A 81 35.96 7.67 -5.27
C TYR A 81 36.24 8.02 -6.73
N ASN A 82 35.85 7.17 -7.69
CA ASN A 82 36.37 7.20 -9.08
C ASN A 82 35.47 8.00 -10.05
N PHE A 83 34.31 8.48 -9.63
CA PHE A 83 33.37 9.20 -10.53
C PHE A 83 33.04 10.60 -10.01
N ILE A 84 33.46 10.95 -8.80
CA ILE A 84 33.16 12.27 -8.17
C ILE A 84 34.50 12.99 -7.91
N TRP A 85 35.40 12.34 -7.17
CA TRP A 85 36.69 12.94 -6.72
C TRP A 85 37.78 12.73 -7.77
N VAL A 86 38.05 11.47 -8.15
CA VAL A 86 39.22 11.07 -8.99
C VAL A 86 38.73 10.43 -10.29
N HIS A 87 38.60 11.22 -11.36
CA HIS A 87 37.99 10.81 -12.65
C HIS A 87 38.93 9.88 -13.43
N HIS A 88 40.23 9.89 -13.12
CA HIS A 88 41.26 8.97 -13.69
C HIS A 88 42.46 8.91 -12.74
N PRO A 89 43.21 7.79 -12.72
CA PRO A 89 42.82 6.56 -13.43
C PRO A 89 41.86 5.69 -12.60
N TRP A 90 41.20 4.72 -13.27
CA TRP A 90 40.39 3.64 -12.63
C TRP A 90 41.29 2.81 -11.71
N ALA A 91 40.84 2.54 -10.47
CA ALA A 91 41.67 1.98 -9.38
C ALA A 91 41.08 0.68 -8.84
N PHE A 92 40.33 -0.07 -9.65
CA PHE A 92 39.60 -1.28 -9.19
C PHE A 92 39.66 -2.43 -10.21
N GLY A 93 40.37 -2.25 -11.33
CA GLY A 93 40.62 -3.31 -12.33
C GLY A 93 39.39 -3.65 -13.17
N ASP A 94 39.59 -4.43 -14.23
CA ASP A 94 38.56 -4.78 -15.26
C ASP A 94 37.41 -5.56 -14.60
N ALA A 95 37.67 -6.18 -13.45
CA ALA A 95 36.63 -6.85 -12.61
C ALA A 95 35.71 -5.78 -12.00
N GLY A 96 36.28 -4.86 -11.23
CA GLY A 96 35.57 -3.75 -10.57
C GLY A 96 34.78 -2.91 -11.56
N CYS A 97 35.33 -2.70 -12.76
CA CYS A 97 34.69 -1.95 -13.88
C CYS A 97 33.40 -2.65 -14.32
N LYS A 98 33.53 -3.88 -14.85
CA LYS A 98 32.41 -4.71 -15.35
C LYS A 98 31.48 -5.10 -14.18
N GLY A 99 32.02 -5.21 -12.97
CA GLY A 99 31.30 -5.62 -11.75
C GLY A 99 30.33 -4.55 -11.28
N TYR A 100 30.84 -3.32 -11.08
CA TYR A 100 30.07 -2.13 -10.65
C TYR A 100 28.84 -1.99 -11.56
N TYR A 101 29.02 -2.03 -12.88
CA TYR A 101 27.94 -1.80 -13.87
C TYR A 101 26.96 -2.99 -13.88
N PHE A 102 27.48 -4.22 -13.85
CA PHE A 102 26.65 -5.45 -13.74
C PHE A 102 25.79 -5.35 -12.48
N LEU A 103 26.42 -5.15 -11.34
CA LEU A 103 25.74 -5.08 -10.02
C LEU A 103 24.59 -4.06 -10.09
N ARG A 104 24.88 -2.84 -10.53
CA ARG A 104 23.90 -1.72 -10.60
C ARG A 104 22.72 -2.15 -11.49
N ASP A 105 23.00 -2.63 -12.70
CA ASP A 105 21.95 -3.05 -13.68
C ASP A 105 21.07 -4.14 -13.06
N ALA A 106 21.70 -5.16 -12.45
CA ALA A 106 21.02 -6.28 -11.74
C ALA A 106 20.04 -5.69 -10.72
N CYS A 107 20.57 -4.91 -9.78
CA CYS A 107 19.85 -4.36 -8.60
C CYS A 107 18.68 -3.46 -9.03
N THR A 108 18.83 -2.64 -10.08
CA THR A 108 17.71 -1.79 -10.56
C THR A 108 16.65 -2.70 -11.20
N TYR A 109 17.07 -3.62 -12.08
CA TYR A 109 16.17 -4.60 -12.76
C TYR A 109 15.35 -5.34 -11.72
N ALA A 110 16.03 -5.89 -10.70
CA ALA A 110 15.44 -6.59 -9.55
C ALA A 110 14.37 -5.70 -8.92
N THR A 111 14.76 -4.46 -8.58
CA THR A 111 13.89 -3.41 -7.99
C THR A 111 12.68 -3.19 -8.90
N ALA A 112 12.90 -2.81 -10.16
CA ALA A 112 11.84 -2.51 -11.15
C ALA A 112 10.82 -3.68 -11.21
N LEU A 113 11.29 -4.91 -11.35
CA LEU A 113 10.44 -6.13 -11.53
C LEU A 113 9.60 -6.39 -10.27
N ASN A 114 10.21 -6.25 -9.09
CA ASN A 114 9.52 -6.33 -7.76
C ASN A 114 8.35 -5.35 -7.73
N VAL A 115 8.59 -4.11 -8.17
CA VAL A 115 7.59 -3.00 -8.20
C VAL A 115 6.41 -3.45 -9.08
N VAL A 116 6.69 -4.03 -10.25
CA VAL A 116 5.66 -4.58 -11.19
C VAL A 116 4.85 -5.66 -10.44
N SER A 117 5.55 -6.55 -9.72
CA SER A 117 4.94 -7.63 -8.89
C SER A 117 3.92 -7.03 -7.91
N LEU A 118 4.35 -6.04 -7.12
CA LEU A 118 3.50 -5.36 -6.10
C LEU A 118 2.24 -4.80 -6.75
N SER A 119 2.38 -4.09 -7.87
CA SER A 119 1.23 -3.54 -8.65
C SER A 119 0.33 -4.69 -9.11
N VAL A 120 0.94 -5.73 -9.68
CA VAL A 120 0.22 -6.94 -10.18
C VAL A 120 -0.54 -7.57 -9.01
N GLU A 121 0.17 -7.87 -7.91
CA GLU A 121 -0.40 -8.46 -6.67
C GLU A 121 -1.56 -7.60 -6.16
N LEU A 122 -1.36 -6.29 -6.02
CA LEU A 122 -2.40 -5.35 -5.51
C LEU A 122 -3.62 -5.40 -6.44
N TYR A 123 -3.38 -5.33 -7.75
CA TYR A 123 -4.46 -5.32 -8.77
C TYR A 123 -5.29 -6.60 -8.65
N LEU A 124 -4.63 -7.76 -8.62
CA LEU A 124 -5.29 -9.09 -8.52
C LEU A 124 -6.13 -9.16 -7.25
N ALA A 125 -5.62 -8.65 -6.13
CA ALA A 125 -6.37 -8.52 -4.85
C ALA A 125 -7.62 -7.67 -5.09
N ILE A 126 -7.49 -6.57 -5.83
CA ILE A 126 -8.59 -5.59 -6.09
C ILE A 126 -9.56 -6.16 -7.14
N CYS A 127 -9.16 -7.16 -7.92
CA CYS A 127 -10.01 -7.83 -8.95
C CYS A 127 -9.69 -9.33 -9.00
N ARG A 140 5.25 -20.82 -3.19
CA ARG A 140 5.27 -20.37 -4.61
C ARG A 140 6.02 -19.04 -4.73
N THR A 141 5.63 -18.05 -3.94
CA THR A 141 6.22 -16.68 -3.89
C THR A 141 7.75 -16.77 -3.82
N LYS A 142 8.29 -17.48 -2.80
CA LYS A 142 9.74 -17.58 -2.53
C LYS A 142 10.48 -18.01 -3.81
N LYS A 143 9.87 -18.89 -4.62
CA LYS A 143 10.39 -19.28 -5.96
C LYS A 143 10.35 -18.06 -6.89
N PHE A 144 9.18 -17.41 -7.00
CA PHE A 144 8.91 -16.26 -7.90
C PHE A 144 9.99 -15.19 -7.70
N ILE A 145 10.33 -14.91 -6.44
CA ILE A 145 11.40 -13.94 -6.04
C ILE A 145 12.70 -14.32 -6.75
N SER A 146 13.08 -15.61 -6.71
CA SER A 146 14.36 -16.13 -7.25
C SER A 146 14.38 -15.98 -8.78
N ALA A 147 13.26 -16.18 -9.46
CA ALA A 147 13.10 -15.93 -10.91
C ALA A 147 13.44 -14.47 -11.22
N ILE A 148 12.96 -13.55 -10.38
CA ILE A 148 13.16 -12.07 -10.53
C ILE A 148 14.67 -11.80 -10.53
N TRP A 149 15.36 -12.23 -9.47
CA TRP A 149 16.82 -12.01 -9.28
C TRP A 149 17.62 -12.63 -10.43
N LEU A 150 17.32 -13.85 -10.83
CA LEU A 150 18.07 -14.56 -11.91
C LEU A 150 17.87 -13.80 -13.22
N ALA A 151 16.63 -13.45 -13.57
CA ALA A 151 16.31 -12.63 -14.75
C ALA A 151 17.02 -11.27 -14.68
N SER A 152 17.24 -10.75 -13.46
CA SER A 152 17.98 -9.48 -13.22
C SER A 152 19.45 -9.67 -13.58
N ALA A 153 20.03 -10.83 -13.25
CA ALA A 153 21.41 -11.25 -13.63
C ALA A 153 21.51 -11.37 -15.15
N LEU A 154 20.52 -12.00 -15.80
CA LEU A 154 20.47 -12.21 -17.27
C LEU A 154 20.51 -10.86 -17.99
N LEU A 155 19.55 -9.99 -17.71
CA LEU A 155 19.38 -8.66 -18.37
C LEU A 155 20.60 -7.76 -18.13
N ALA A 156 21.34 -8.00 -17.04
CA ALA A 156 22.51 -7.20 -16.60
C ALA A 156 23.81 -7.71 -17.24
N ILE A 157 23.80 -8.89 -17.87
CA ILE A 157 25.01 -9.54 -18.46
C ILE A 157 25.58 -8.68 -19.59
N PRO A 158 24.76 -8.11 -20.50
CA PRO A 158 25.28 -7.23 -21.55
C PRO A 158 26.23 -6.12 -21.07
N MET A 159 26.18 -5.77 -19.77
CA MET A 159 27.09 -4.78 -19.14
C MET A 159 28.49 -5.38 -18.97
N LEU A 160 28.61 -6.70 -19.00
CA LEU A 160 29.91 -7.42 -18.84
C LEU A 160 30.69 -7.39 -20.16
N PHE A 161 30.02 -7.19 -21.30
CA PHE A 161 30.62 -7.19 -22.65
C PHE A 161 30.81 -5.77 -23.19
N THR A 162 30.03 -4.79 -22.71
CA THR A 162 30.03 -3.38 -23.20
C THR A 162 31.11 -2.57 -22.47
N MET A 163 31.28 -2.76 -21.17
CA MET A 163 32.21 -1.97 -20.33
C MET A 163 33.55 -2.69 -20.24
N GLY A 164 34.62 -1.93 -19.94
CA GLY A 164 35.99 -2.42 -19.71
C GLY A 164 36.96 -1.28 -19.52
N LEU A 165 38.24 -1.59 -19.24
CA LEU A 165 39.34 -0.60 -19.14
C LEU A 165 39.85 -0.23 -20.53
N GLN A 166 40.31 1.00 -20.70
CA GLN A 166 40.99 1.52 -21.91
C GLN A 166 41.99 2.60 -21.49
N ASN A 167 43.09 2.74 -22.25
CA ASN A 167 44.11 3.79 -22.03
C ASN A 167 43.90 4.87 -23.10
N LEU A 168 43.33 6.01 -22.68
CA LEU A 168 43.03 7.16 -23.55
C LEU A 168 44.05 8.28 -23.30
N SER A 169 45.20 7.96 -22.70
CA SER A 169 46.30 8.92 -22.44
C SER A 169 46.97 9.30 -23.77
N GLY A 170 47.56 10.49 -23.83
CA GLY A 170 48.11 11.13 -25.05
C GLY A 170 48.95 10.18 -25.88
N ASP A 171 50.04 9.66 -25.32
CA ASP A 171 50.92 8.66 -25.99
C ASP A 171 50.08 7.41 -26.33
N GLY A 172 49.25 6.96 -25.39
CA GLY A 172 48.44 5.74 -25.50
C GLY A 172 48.95 4.64 -24.60
N THR A 173 49.79 4.98 -23.61
CA THR A 173 50.36 4.03 -22.61
C THR A 173 50.43 4.63 -21.20
N HIS A 174 50.15 5.92 -20.99
CA HIS A 174 50.35 6.55 -19.65
C HIS A 174 49.45 5.86 -18.63
N PRO A 175 50.01 5.49 -17.47
CA PRO A 175 49.27 4.72 -16.46
C PRO A 175 48.05 5.47 -15.88
N GLY A 176 48.13 6.80 -15.81
CA GLY A 176 47.09 7.70 -15.25
C GLY A 176 45.94 7.93 -16.21
N GLY A 177 46.03 7.42 -17.45
CA GLY A 177 44.96 7.46 -18.47
C GLY A 177 44.25 6.13 -18.63
N LEU A 178 44.44 5.19 -17.69
CA LEU A 178 43.67 3.92 -17.57
C LEU A 178 42.33 4.22 -16.91
N VAL A 179 41.23 4.05 -17.65
CA VAL A 179 39.85 4.48 -17.24
C VAL A 179 38.85 3.37 -17.60
N CYS A 180 37.89 3.09 -16.70
CA CYS A 180 36.71 2.23 -16.94
C CYS A 180 35.72 3.03 -17.82
N THR A 181 35.34 2.46 -18.96
CA THR A 181 34.65 3.20 -20.07
C THR A 181 34.18 2.18 -21.11
N PRO A 182 33.12 2.48 -21.90
CA PRO A 182 32.64 1.53 -22.91
C PRO A 182 33.77 1.06 -23.84
N ILE A 183 33.82 -0.25 -24.12
CA ILE A 183 34.87 -0.89 -24.98
C ILE A 183 34.22 -1.35 -26.30
N VAL A 184 33.04 -0.83 -26.63
CA VAL A 184 32.34 -1.12 -27.92
C VAL A 184 32.08 0.21 -28.65
N ASP A 185 31.57 0.16 -29.88
CA ASP A 185 31.25 1.36 -30.70
C ASP A 185 29.92 1.95 -30.22
N THR A 186 29.57 3.15 -30.70
CA THR A 186 28.43 3.97 -30.19
C THR A 186 27.11 3.29 -30.57
N ALA A 187 26.97 2.83 -31.81
CA ALA A 187 25.75 2.17 -32.33
C ALA A 187 25.43 0.95 -31.46
N THR A 188 26.43 0.13 -31.14
CA THR A 188 26.32 -1.04 -30.23
C THR A 188 25.87 -0.54 -28.84
N LEU A 189 26.50 0.52 -28.34
CA LEU A 189 26.23 1.07 -26.98
C LEU A 189 24.84 1.72 -26.95
N ARG A 190 24.41 2.32 -28.05
CA ARG A 190 23.04 2.90 -28.19
C ARG A 190 21.99 1.83 -27.93
N VAL A 191 22.19 0.63 -28.48
CA VAL A 191 21.19 -0.48 -28.45
C VAL A 191 21.04 -0.94 -27.01
N VAL A 192 22.13 -1.33 -26.35
CA VAL A 192 22.11 -1.79 -24.92
C VAL A 192 21.41 -0.72 -24.07
N ILE A 193 21.80 0.55 -24.20
CA ILE A 193 21.34 1.67 -23.32
C ILE A 193 19.87 1.97 -23.62
N GLN A 194 19.47 1.98 -24.88
CA GLN A 194 18.06 2.24 -25.28
C GLN A 194 17.18 1.11 -24.74
N LEU A 195 17.64 -0.13 -24.84
CA LEU A 195 16.90 -1.32 -24.34
C LEU A 195 16.88 -1.29 -22.80
N ASN A 196 18.02 -0.97 -22.19
CA ASN A 196 18.15 -0.80 -20.72
C ASN A 196 17.16 0.27 -20.25
N THR A 197 17.09 1.40 -20.96
CA THR A 197 16.16 2.52 -20.68
C THR A 197 14.72 2.01 -20.81
N PHE A 198 14.45 1.19 -21.82
CA PHE A 198 13.12 0.55 -22.06
C PHE A 198 12.85 -0.46 -20.94
N MET A 199 13.71 -1.49 -20.86
CA MET A 199 13.49 -2.74 -20.07
C MET A 199 13.41 -2.43 -18.57
N SER A 200 14.32 -1.61 -18.03
CA SER A 200 14.48 -1.40 -16.56
C SER A 200 13.63 -0.22 -16.07
N PHE A 201 13.43 0.81 -16.90
CA PHE A 201 12.77 2.06 -16.47
C PHE A 201 11.36 2.17 -17.08
N LEU A 202 11.29 2.57 -18.35
CA LEU A 202 10.03 3.02 -19.02
C LEU A 202 8.97 1.93 -18.91
N PHE A 203 9.28 0.73 -19.43
CA PHE A 203 8.33 -0.39 -19.62
C PHE A 203 7.70 -0.78 -18.27
N PRO A 204 8.49 -1.22 -17.27
CA PRO A 204 7.91 -1.70 -16.01
C PRO A 204 7.12 -0.62 -15.27
N MET A 205 7.58 0.64 -15.33
CA MET A 205 7.00 1.79 -14.59
C MET A 205 5.68 2.21 -15.26
N LEU A 206 5.60 2.10 -16.59
CA LEU A 206 4.35 2.31 -17.36
C LEU A 206 3.35 1.23 -16.94
N VAL A 207 3.76 -0.04 -17.01
CA VAL A 207 2.94 -1.22 -16.68
C VAL A 207 2.34 -1.02 -15.29
N ALA A 208 3.17 -0.58 -14.33
CA ALA A 208 2.79 -0.31 -12.93
C ALA A 208 1.80 0.87 -12.89
N SER A 209 2.09 1.96 -13.62
CA SER A 209 1.17 3.11 -13.77
C SER A 209 -0.20 2.63 -14.26
N ILE A 210 -0.23 1.78 -15.28
CA ILE A 210 -1.48 1.27 -15.89
C ILE A 210 -2.23 0.44 -14.84
N LEU A 211 -1.56 -0.52 -14.19
CA LEU A 211 -2.17 -1.36 -13.13
C LEU A 211 -2.65 -0.48 -11.98
N ASN A 212 -1.81 0.47 -11.54
CA ASN A 212 -2.10 1.44 -10.45
C ASN A 212 -3.43 2.15 -10.75
N THR A 213 -3.61 2.61 -11.98
CA THR A 213 -4.77 3.46 -12.42
C THR A 213 -6.04 2.60 -12.54
N VAL A 214 -5.94 1.38 -13.07
CA VAL A 214 -7.10 0.44 -13.21
C VAL A 214 -7.55 0.03 -11.80
N ALA A 215 -6.61 -0.49 -11.00
CA ALA A 215 -6.79 -0.87 -9.59
C ALA A 215 -7.57 0.23 -8.85
N ALA A 216 -7.06 1.47 -8.90
CA ALA A 216 -7.69 2.67 -8.31
C ALA A 216 -9.15 2.78 -8.80
N ARG A 217 -9.34 2.79 -10.13
CA ARG A 217 -10.66 2.93 -10.79
C ARG A 217 -11.62 1.87 -10.23
N ARG A 218 -11.24 0.59 -10.32
CA ARG A 218 -12.04 -0.57 -9.82
C ARG A 218 -12.50 -0.29 -8.39
N LEU A 219 -11.61 0.17 -7.52
CA LEU A 219 -11.90 0.46 -6.09
C LEU A 219 -12.92 1.60 -5.99
N THR A 220 -12.68 2.73 -6.66
CA THR A 220 -13.49 3.98 -6.55
C THR A 220 -14.98 3.68 -6.74
N VAL A 221 -15.33 2.69 -7.57
CA VAL A 221 -16.75 2.27 -7.78
C VAL A 221 -17.20 1.46 -6.55
N MET A 222 -16.31 0.64 -5.96
CA MET A 222 -16.59 -0.09 -4.69
C MET A 222 -17.00 0.91 -3.61
N VAL A 223 -16.28 2.03 -3.51
CA VAL A 223 -16.50 3.09 -2.48
C VAL A 223 -17.87 3.75 -2.70
N HIS A 224 -18.25 4.02 -3.95
CA HIS A 224 -19.58 4.60 -4.32
C HIS A 224 -20.68 3.60 -3.99
N GLN A 225 -20.50 2.33 -4.41
CA GLN A 225 -21.50 1.26 -4.22
C GLN A 225 -21.72 1.06 -2.71
N ALA A 226 -20.64 0.91 -1.93
CA ALA A 226 -20.67 0.79 -0.46
C ALA A 226 -21.42 1.99 0.14
N ALA A 227 -21.03 3.21 -0.24
CA ALA A 227 -21.62 4.48 0.26
C ALA A 227 -23.13 4.50 0.03
N PHE A 228 -23.56 4.02 -1.15
CA PHE A 228 -24.96 4.02 -1.54
C PHE A 228 -25.80 3.25 -0.52
N ASN A 229 -25.32 2.08 -0.09
CA ASN A 229 -26.03 1.13 0.82
C ASN A 229 -25.57 1.36 2.26
N MET A 230 -24.31 1.02 2.54
CA MET A 230 -23.72 0.83 3.90
C MET A 230 -23.61 2.15 4.66
N THR A 231 -23.16 2.06 5.92
CA THR A 231 -22.73 3.17 6.80
C THR A 231 -21.19 3.22 6.83
N ILE A 232 -20.54 2.06 6.63
CA ILE A 232 -19.07 1.86 6.76
C ILE A 232 -18.61 0.95 5.62
N GLU A 233 -17.60 1.36 4.85
CA GLU A 233 -16.99 0.50 3.80
C GLU A 233 -16.05 -0.49 4.47
N PRO A 234 -15.83 -1.67 3.85
CA PRO A 234 -15.10 -2.77 4.49
C PRO A 234 -13.61 -2.45 4.73
N GLY A 235 -13.01 -3.16 5.68
CA GLY A 235 -11.58 -3.07 6.01
C GLY A 235 -10.72 -3.38 4.81
N ARG A 236 -11.09 -4.41 4.03
CA ARG A 236 -10.34 -4.89 2.84
C ARG A 236 -10.20 -3.75 1.83
N VAL A 237 -11.26 -2.96 1.65
CA VAL A 237 -11.29 -1.80 0.70
C VAL A 237 -10.38 -0.71 1.25
N GLN A 238 -10.55 -0.33 2.52
CA GLN A 238 -9.77 0.75 3.20
C GLN A 238 -8.27 0.44 3.09
N ALA A 239 -7.88 -0.84 3.16
CA ALA A 239 -6.47 -1.30 3.07
C ALA A 239 -5.98 -1.14 1.64
N LEU A 240 -6.64 -1.79 0.68
CA LEU A 240 -6.29 -1.73 -0.76
C LEU A 240 -6.33 -0.28 -1.26
N ARG A 241 -7.28 0.54 -0.79
CA ARG A 241 -7.38 1.98 -1.14
C ARG A 241 -6.06 2.67 -0.76
N ARG A 242 -5.58 2.44 0.46
CA ARG A 242 -4.33 3.06 1.00
C ARG A 242 -3.12 2.47 0.28
N GLY A 243 -3.20 1.21 -0.16
CA GLY A 243 -2.18 0.52 -0.98
C GLY A 243 -1.97 1.20 -2.33
N VAL A 244 -3.06 1.56 -3.00
CA VAL A 244 -3.05 2.29 -4.31
C VAL A 244 -2.24 3.58 -4.17
N LEU A 245 -2.46 4.34 -3.09
CA LEU A 245 -1.84 5.68 -2.87
C LEU A 245 -0.32 5.52 -2.70
N VAL A 246 0.11 4.52 -1.93
CA VAL A 246 1.55 4.25 -1.63
C VAL A 246 2.23 3.82 -2.93
N LEU A 247 1.65 2.84 -3.62
CA LEU A 247 2.20 2.28 -4.87
C LEU A 247 2.29 3.39 -5.92
N ARG A 248 1.33 4.31 -5.93
CA ARG A 248 1.35 5.50 -6.81
C ARG A 248 2.57 6.36 -6.46
N ALA A 249 2.76 6.65 -5.16
CA ALA A 249 3.88 7.48 -4.63
C ALA A 249 5.22 6.88 -5.04
N VAL A 250 5.33 5.55 -5.03
CA VAL A 250 6.59 4.80 -5.36
C VAL A 250 6.91 4.98 -6.84
N VAL A 251 5.89 4.96 -7.72
CA VAL A 251 6.04 5.12 -9.18
C VAL A 251 6.50 6.56 -9.48
N ILE A 252 5.81 7.55 -8.92
CA ILE A 252 6.19 9.00 -8.98
C ILE A 252 7.63 9.15 -8.47
N ALA A 253 7.98 8.44 -7.38
CA ALA A 253 9.31 8.46 -6.75
C ALA A 253 10.40 7.98 -7.72
N PHE A 254 10.16 6.90 -8.46
CA PHE A 254 11.15 6.32 -9.40
C PHE A 254 11.26 7.24 -10.62
N VAL A 255 10.12 7.64 -11.21
CA VAL A 255 10.10 8.58 -12.37
C VAL A 255 11.04 9.75 -12.07
N VAL A 256 10.90 10.38 -10.90
CA VAL A 256 11.73 11.55 -10.50
C VAL A 256 13.18 11.07 -10.31
N CYS A 257 13.40 9.98 -9.57
CA CYS A 257 14.75 9.54 -9.14
C CYS A 257 15.54 8.92 -10.30
N TRP A 258 14.86 8.44 -11.36
CA TRP A 258 15.47 7.61 -12.44
C TRP A 258 15.44 8.32 -13.80
N LEU A 259 14.53 9.27 -14.03
CA LEU A 259 14.44 9.93 -15.37
C LEU A 259 15.74 10.68 -15.66
N PRO A 260 16.24 11.55 -14.77
CA PRO A 260 17.48 12.29 -15.04
C PRO A 260 18.63 11.35 -15.43
N TYR A 261 18.87 10.33 -14.60
CA TYR A 261 19.89 9.26 -14.80
C TYR A 261 19.88 8.73 -16.25
N HIS A 262 18.72 8.28 -16.71
CA HIS A 262 18.53 7.65 -18.05
C HIS A 262 18.77 8.69 -19.15
N VAL A 263 18.24 9.90 -18.96
CA VAL A 263 18.46 11.08 -19.87
C VAL A 263 19.98 11.33 -20.00
N ARG A 264 20.74 11.23 -18.91
CA ARG A 264 22.20 11.51 -18.91
C ARG A 264 22.94 10.44 -19.72
N ARG A 265 22.48 9.18 -19.70
CA ARG A 265 23.17 8.05 -20.36
C ARG A 265 22.77 7.97 -21.84
N LEU A 266 21.59 8.50 -22.20
CA LEU A 266 21.19 8.69 -23.62
C LEU A 266 22.07 9.80 -24.22
N MET A 267 22.23 10.90 -23.48
CA MET A 267 23.10 12.04 -23.86
C MET A 267 24.47 11.47 -24.32
N PHE A 268 25.07 10.63 -23.50
CA PHE A 268 26.41 10.01 -23.68
C PHE A 268 26.55 9.37 -25.07
N VAL A 269 25.46 8.80 -25.62
CA VAL A 269 25.45 8.01 -26.88
C VAL A 269 24.51 8.65 -27.92
N TYR A 270 24.17 9.94 -27.77
CA TYR A 270 23.26 10.63 -28.73
C TYR A 270 23.81 12.00 -29.16
N ILE A 271 25.11 12.25 -28.97
CA ILE A 271 25.75 13.54 -29.35
C ILE A 271 26.97 13.29 -30.27
N SER A 272 27.22 12.02 -30.63
CA SER A 272 28.36 11.58 -31.50
C SER A 272 29.69 11.99 -30.84
N ASP A 273 30.55 12.73 -31.56
CA ASP A 273 31.80 13.33 -31.01
C ASP A 273 31.91 14.80 -31.41
N GLU A 274 31.14 15.26 -32.42
CA GLU A 274 31.34 16.56 -33.11
C GLU A 274 30.37 17.63 -32.59
N GLN A 275 29.64 17.36 -31.50
CA GLN A 275 28.77 18.37 -30.82
C GLN A 275 29.27 18.63 -29.40
N TRP A 276 30.22 17.83 -28.90
CA TRP A 276 30.68 17.85 -27.50
C TRP A 276 31.60 19.04 -27.24
N THR A 277 31.01 20.22 -27.06
CA THR A 277 31.71 21.48 -26.68
C THR A 277 32.29 21.30 -25.27
N THR A 278 33.26 22.14 -24.90
CA THR A 278 33.93 22.11 -23.57
C THR A 278 32.89 22.49 -22.50
N ALA A 279 31.91 23.32 -22.89
CA ALA A 279 30.77 23.74 -22.03
C ALA A 279 29.85 22.54 -21.79
N LEU A 280 29.55 21.79 -22.85
CA LEU A 280 28.65 20.60 -22.80
C LEU A 280 29.34 19.44 -22.07
N PHE A 281 30.68 19.34 -22.19
CA PHE A 281 31.52 18.37 -21.45
C PHE A 281 31.44 18.66 -19.94
N ASP A 282 31.52 19.93 -19.55
CA ASP A 282 31.50 20.38 -18.13
C ASP A 282 30.11 20.15 -17.55
N PHE A 283 29.05 20.50 -18.29
CA PHE A 283 27.62 20.34 -17.89
C PHE A 283 27.34 18.88 -17.51
N TYR A 284 27.85 17.93 -18.31
CA TYR A 284 27.61 16.46 -18.17
C TYR A 284 28.08 15.94 -16.81
N HIS A 285 29.25 16.40 -16.34
CA HIS A 285 29.92 15.89 -15.13
C HIS A 285 29.29 16.52 -13.88
N TYR A 286 28.59 17.65 -14.05
CA TYR A 286 27.72 18.26 -13.02
C TYR A 286 26.39 17.50 -13.02
N PHE A 287 25.79 17.25 -14.19
CA PHE A 287 24.55 16.47 -14.35
C PHE A 287 24.76 15.05 -13.82
N TYR A 288 25.98 14.54 -13.92
CA TYR A 288 26.37 13.21 -13.41
C TYR A 288 26.26 13.20 -11.87
N MET A 289 26.75 14.26 -11.23
CA MET A 289 26.69 14.41 -9.75
C MET A 289 25.23 14.44 -9.29
N LEU A 290 24.37 15.07 -10.07
CA LEU A 290 22.95 15.37 -9.72
C LEU A 290 22.09 14.12 -10.02
N SER A 291 22.24 13.57 -11.22
CA SER A 291 21.52 12.36 -11.69
C SER A 291 21.75 11.20 -10.71
N ASN A 292 22.99 11.00 -10.27
CA ASN A 292 23.41 9.86 -9.43
C ASN A 292 23.19 10.16 -7.94
N ALA A 293 23.04 11.43 -7.57
CA ALA A 293 22.51 11.83 -6.25
C ALA A 293 21.08 11.30 -6.13
N LEU A 294 20.22 11.62 -7.12
CA LEU A 294 18.78 11.26 -7.15
C LEU A 294 18.59 9.74 -7.22
N PHE A 295 19.45 9.06 -7.96
CA PHE A 295 19.43 7.59 -8.12
C PHE A 295 19.52 6.95 -6.73
N TYR A 296 20.56 7.30 -5.97
CA TYR A 296 20.84 6.73 -4.62
C TYR A 296 19.74 7.17 -3.63
N VAL A 297 19.00 8.23 -3.94
CA VAL A 297 17.89 8.72 -3.07
C VAL A 297 16.76 7.69 -3.09
N SER A 298 16.48 7.06 -4.22
CA SER A 298 15.44 5.99 -4.32
C SER A 298 15.81 4.84 -3.38
N SER A 299 17.08 4.48 -3.30
CA SER A 299 17.60 3.40 -2.42
C SER A 299 17.40 3.76 -0.94
N ALA A 300 17.60 5.04 -0.60
CA ALA A 300 17.58 5.55 0.80
C ALA A 300 16.14 5.80 1.28
N ILE A 301 15.18 5.91 0.35
CA ILE A 301 13.74 6.17 0.63
C ILE A 301 13.00 4.84 0.82
N ASN A 302 13.50 3.75 0.23
CA ASN A 302 12.85 2.41 0.22
C ASN A 302 12.33 2.04 1.60
N PRO A 303 13.13 2.14 2.70
CA PRO A 303 12.65 1.76 4.03
C PRO A 303 11.42 2.55 4.51
N ILE A 304 11.11 3.68 3.87
CA ILE A 304 9.83 4.43 4.09
C ILE A 304 8.68 3.57 3.53
N LEU A 305 8.72 3.23 2.24
CA LEU A 305 7.75 2.31 1.57
C LEU A 305 7.51 1.09 2.46
N TYR A 306 8.60 0.47 2.93
CA TYR A 306 8.59 -0.71 3.85
C TYR A 306 7.72 -0.43 5.07
N ASN A 307 7.90 0.73 5.71
CA ASN A 307 7.15 1.10 6.95
C ASN A 307 5.68 1.36 6.59
N LEU A 308 5.40 2.10 5.51
CA LEU A 308 4.02 2.45 5.06
C LEU A 308 3.22 1.17 4.76
N ALA A 309 3.80 0.28 3.97
CA ALA A 309 3.22 -1.00 3.53
C ALA A 309 2.93 -1.88 4.76
N GLU A 310 3.88 -1.95 5.68
CA GLU A 310 3.81 -2.85 6.87
C GLU A 310 2.73 -2.34 7.83
N ASP A 311 2.62 -1.02 8.03
CA ASP A 311 1.59 -0.42 8.93
C ASP A 311 0.20 -0.63 8.32
N LEU A 312 0.08 -0.42 7.00
CA LEU A 312 -1.13 -0.72 6.19
C LEU A 312 -1.55 -2.17 6.40
N VAL A 313 -0.60 -3.10 6.38
CA VAL A 313 -0.85 -4.57 6.51
C VAL A 313 -1.24 -4.88 7.96
N GLU A 314 -0.52 -4.33 8.94
CA GLU A 314 -0.74 -4.60 10.39
C GLU A 314 -2.16 -4.17 10.77
N ASP A 315 -2.63 -3.02 10.27
CA ASP A 315 -3.97 -2.44 10.54
C ASP A 315 -5.04 -3.41 10.04
N TRP A 316 -4.86 -3.93 8.83
CA TRP A 316 -5.79 -4.87 8.17
C TRP A 316 -5.94 -6.14 9.03
N GLU A 317 -4.82 -6.71 9.47
CA GLU A 317 -4.76 -7.94 10.29
C GLU A 317 -5.48 -7.72 11.61
N LYS A 318 -5.25 -6.57 12.24
CA LYS A 318 -5.89 -6.20 13.52
C LYS A 318 -7.40 -6.09 13.31
N ALA A 319 -7.82 -5.39 12.27
CA ALA A 319 -9.23 -5.24 11.84
C ALA A 319 -9.85 -6.62 11.62
N ARG A 320 -9.13 -7.49 10.90
CA ARG A 320 -9.53 -8.90 10.65
C ARG A 320 -9.61 -9.67 11.98
N LYS A 321 -8.58 -9.56 12.83
CA LYS A 321 -8.50 -10.30 14.11
C LYS A 321 -9.64 -9.83 15.02
N LEU A 322 -9.98 -8.54 14.97
CA LEU A 322 -11.04 -7.95 15.82
C LEU A 322 -12.42 -8.46 15.37
N LEU A 323 -12.58 -8.81 14.09
CA LEU A 323 -13.86 -9.32 13.55
C LEU A 323 -14.05 -10.77 13.99
N GLU A 324 -12.98 -11.57 13.96
CA GLU A 324 -12.98 -12.96 14.49
C GLU A 324 -13.36 -12.90 15.98
N ALA A 325 -12.72 -12.02 16.74
CA ALA A 325 -12.79 -11.97 18.23
C ALA A 325 -14.21 -11.60 18.67
N ALA A 326 -14.84 -10.65 17.96
CA ALA A 326 -16.23 -10.19 18.21
C ALA A 326 -17.23 -11.33 17.96
N ARG A 327 -17.04 -12.10 16.89
CA ARG A 327 -17.88 -13.28 16.59
C ARG A 327 -17.66 -14.35 17.67
N LYS A 328 -16.41 -14.69 17.96
CA LYS A 328 -16.01 -15.79 18.87
C LYS A 328 -16.33 -15.44 20.32
N GLY A 329 -16.48 -14.15 20.64
CA GLY A 329 -16.93 -13.69 21.97
C GLY A 329 -15.79 -13.66 22.97
N GLN A 330 -14.60 -13.24 22.55
CA GLN A 330 -13.34 -13.28 23.34
C GLN A 330 -13.00 -11.86 23.84
N ASP A 331 -13.51 -11.49 25.00
CA ASP A 331 -13.37 -10.11 25.57
C ASP A 331 -11.89 -9.71 25.65
N ASP A 332 -11.02 -10.62 26.09
CA ASP A 332 -9.56 -10.34 26.25
C ASP A 332 -8.99 -9.88 24.90
N GLU A 333 -9.06 -10.73 23.88
CA GLU A 333 -8.44 -10.47 22.54
C GLU A 333 -8.95 -9.14 22.01
N VAL A 334 -10.25 -8.87 22.19
CA VAL A 334 -10.92 -7.62 21.72
C VAL A 334 -10.23 -6.40 22.35
N ARG A 335 -10.06 -6.43 23.67
CA ARG A 335 -9.51 -5.27 24.45
C ARG A 335 -8.02 -5.12 24.18
N ILE A 336 -7.31 -6.19 23.81
CA ILE A 336 -5.89 -6.11 23.35
C ILE A 336 -5.88 -5.40 21.99
N LEU A 337 -6.74 -5.83 21.07
CA LEU A 337 -6.77 -5.28 19.67
C LEU A 337 -7.21 -3.81 19.71
N LEU A 338 -8.22 -3.47 20.51
CA LEU A 338 -8.76 -2.08 20.62
C LEU A 338 -7.68 -1.17 21.20
N ALA A 339 -7.01 -1.61 22.26
CA ALA A 339 -5.92 -0.88 22.94
C ALA A 339 -4.77 -0.64 21.95
N ASN A 340 -4.44 -1.63 21.13
CA ASN A 340 -3.31 -1.59 20.16
C ASN A 340 -3.77 -1.00 18.82
N GLY A 341 -4.93 -0.34 18.78
CA GLY A 341 -5.32 0.62 17.72
C GLY A 341 -6.28 0.06 16.68
N ALA A 342 -6.75 -1.17 16.81
CA ALA A 342 -7.69 -1.80 15.84
C ALA A 342 -8.90 -0.89 15.63
N ASP A 343 -9.35 -0.75 14.38
CA ASP A 343 -10.53 0.07 14.02
C ASP A 343 -11.79 -0.59 14.59
N VAL A 344 -12.38 0.03 15.62
CA VAL A 344 -13.62 -0.46 16.31
C VAL A 344 -14.74 -0.63 15.29
N ASN A 345 -14.75 0.23 14.26
CA ASN A 345 -15.83 0.34 13.24
C ASN A 345 -15.35 -0.21 11.89
N THR A 346 -14.40 -1.14 11.87
CA THR A 346 -14.06 -1.93 10.66
C THR A 346 -15.30 -2.75 10.29
N ALA A 347 -15.40 -3.21 9.03
CA ALA A 347 -16.54 -4.03 8.55
C ALA A 347 -16.00 -5.19 7.69
N ASP A 348 -16.86 -6.18 7.42
CA ASP A 348 -16.62 -7.25 6.40
C ASP A 348 -17.27 -6.81 5.07
N GLU A 349 -17.21 -7.66 4.04
CA GLU A 349 -17.75 -7.40 2.67
C GLU A 349 -19.21 -6.95 2.80
N THR A 350 -19.97 -7.62 3.67
CA THR A 350 -21.40 -7.40 4.01
C THR A 350 -21.63 -6.01 4.62
N GLY A 351 -20.61 -5.41 5.24
CA GLY A 351 -20.73 -4.14 5.99
C GLY A 351 -21.01 -4.36 7.47
N PHE A 352 -20.91 -5.62 7.91
CA PHE A 352 -20.98 -6.06 9.34
C PHE A 352 -19.80 -5.49 10.13
N THR A 353 -20.08 -4.62 11.09
CA THR A 353 -19.09 -4.12 12.09
C THR A 353 -18.95 -5.15 13.20
N PRO A 354 -17.91 -5.05 14.04
CA PRO A 354 -17.82 -5.84 15.27
C PRO A 354 -19.09 -5.79 16.13
N LEU A 355 -19.74 -4.64 16.24
CA LEU A 355 -20.94 -4.47 17.10
C LEU A 355 -22.10 -5.29 16.53
N HIS A 356 -22.26 -5.32 15.20
CA HIS A 356 -23.22 -6.20 14.48
C HIS A 356 -22.99 -7.65 14.90
N LEU A 357 -21.74 -8.11 14.85
CA LEU A 357 -21.34 -9.51 15.17
C LEU A 357 -21.68 -9.84 16.63
N ALA A 358 -21.39 -8.90 17.55
CA ALA A 358 -21.57 -9.08 19.00
C ALA A 358 -23.06 -9.15 19.31
N ALA A 359 -23.85 -8.24 18.73
CA ALA A 359 -25.33 -8.20 18.81
C ALA A 359 -25.92 -9.53 18.29
N TRP A 360 -25.43 -9.99 17.15
CA TRP A 360 -25.91 -11.20 16.42
C TRP A 360 -25.58 -12.45 17.23
N GLU A 361 -24.34 -12.59 17.68
CA GLU A 361 -23.84 -13.78 18.41
C GLU A 361 -24.33 -13.75 19.87
N GLY A 362 -24.82 -12.62 20.34
CA GLY A 362 -25.41 -12.48 21.70
C GLY A 362 -24.35 -12.37 22.79
N HIS A 363 -23.33 -11.55 22.55
CA HIS A 363 -22.19 -11.27 23.45
C HIS A 363 -22.40 -9.91 24.12
N LEU A 364 -23.19 -9.91 25.19
CA LEU A 364 -23.57 -8.69 25.95
C LEU A 364 -22.31 -7.92 26.37
N GLY A 365 -21.33 -8.60 26.95
CA GLY A 365 -20.09 -7.99 27.44
C GLY A 365 -19.34 -7.28 26.34
N ILE A 366 -19.25 -7.90 25.17
CA ILE A 366 -18.53 -7.35 23.99
C ILE A 366 -19.31 -6.18 23.38
N VAL A 367 -20.64 -6.25 23.34
CA VAL A 367 -21.50 -5.11 22.89
C VAL A 367 -21.13 -3.89 23.72
N GLU A 368 -21.05 -4.04 25.04
CA GLU A 368 -20.73 -2.96 26.00
C GLU A 368 -19.30 -2.45 25.78
N VAL A 369 -18.30 -3.32 25.63
CA VAL A 369 -16.91 -2.80 25.44
C VAL A 369 -16.84 -2.05 24.11
N LEU A 370 -17.55 -2.52 23.06
CA LEU A 370 -17.47 -1.90 21.71
C LEU A 370 -18.13 -0.52 21.74
N LEU A 371 -19.23 -0.36 22.50
CA LEU A 371 -19.94 0.94 22.68
C LEU A 371 -19.07 1.93 23.46
N LYS A 372 -18.41 1.49 24.55
CA LYS A 372 -17.44 2.30 25.34
C LYS A 372 -16.43 2.96 24.41
N ASN A 373 -15.81 2.16 23.54
CA ASN A 373 -14.71 2.54 22.61
C ASN A 373 -15.26 3.19 21.33
N GLY A 374 -16.56 3.54 21.32
CA GLY A 374 -17.18 4.41 20.31
C GLY A 374 -17.54 3.68 19.03
N ALA A 375 -17.97 2.42 19.12
CA ALA A 375 -18.56 1.67 17.98
C ALA A 375 -19.84 2.38 17.56
N ASP A 376 -20.08 2.53 16.25
CA ASP A 376 -21.28 3.19 15.69
C ASP A 376 -22.50 2.30 15.97
N VAL A 377 -23.45 2.81 16.77
CA VAL A 377 -24.63 2.05 17.27
C VAL A 377 -25.67 1.93 16.15
N ASN A 378 -25.62 2.79 15.13
CA ASN A 378 -26.58 2.83 14.01
C ASN A 378 -25.89 2.48 12.68
N ALA A 379 -24.80 1.71 12.72
CA ALA A 379 -24.13 1.18 11.52
C ALA A 379 -25.10 0.28 10.75
N ASN A 380 -25.27 0.53 9.45
CA ASN A 380 -26.06 -0.29 8.50
C ASN A 380 -25.12 -1.18 7.68
N ASP A 381 -25.45 -2.47 7.58
CA ASP A 381 -24.81 -3.42 6.64
C ASP A 381 -25.54 -3.29 5.29
N GLU A 382 -25.11 -4.09 4.30
CA GLU A 382 -25.64 -4.11 2.91
C GLU A 382 -27.17 -4.16 2.92
N ARG A 383 -27.76 -5.04 3.74
CA ARG A 383 -29.22 -5.26 3.82
C ARG A 383 -29.87 -4.19 4.73
N GLY A 384 -29.09 -3.19 5.16
CA GLY A 384 -29.57 -2.04 5.95
C GLY A 384 -29.93 -2.42 7.38
N HIS A 385 -29.32 -3.48 7.91
CA HIS A 385 -29.53 -3.95 9.31
C HIS A 385 -28.57 -3.23 10.27
N THR A 386 -29.14 -2.53 11.24
CA THR A 386 -28.44 -2.00 12.43
C THR A 386 -28.26 -3.13 13.43
N PRO A 387 -27.34 -2.99 14.40
CA PRO A 387 -27.24 -3.94 15.51
C PRO A 387 -28.58 -4.20 16.22
N LEU A 388 -29.37 -3.15 16.46
CA LEU A 388 -30.68 -3.27 17.15
C LEU A 388 -31.58 -4.28 16.42
N HIS A 389 -31.59 -4.26 15.08
CA HIS A 389 -32.28 -5.26 14.21
C HIS A 389 -31.89 -6.68 14.59
N LEU A 390 -30.58 -6.93 14.73
CA LEU A 390 -30.01 -8.29 14.98
C LEU A 390 -30.27 -8.72 16.43
N ALA A 391 -30.24 -7.78 17.37
CA ALA A 391 -30.54 -8.00 18.81
C ALA A 391 -32.04 -8.31 18.98
N ALA A 392 -32.89 -7.63 18.20
CA ALA A 392 -34.37 -7.76 18.28
C ALA A 392 -34.83 -8.99 17.51
N TYR A 393 -34.01 -9.49 16.58
CA TYR A 393 -34.31 -10.72 15.80
C TYR A 393 -33.98 -11.94 16.65
N THR A 394 -32.79 -11.97 17.25
CA THR A 394 -32.22 -13.14 17.98
C THR A 394 -32.64 -13.13 19.46
N GLY A 395 -33.43 -12.14 19.88
CA GLY A 395 -34.03 -12.09 21.23
C GLY A 395 -32.97 -12.02 22.33
N HIS A 396 -32.20 -10.93 22.37
CA HIS A 396 -31.28 -10.60 23.50
C HIS A 396 -31.76 -9.29 24.11
N LEU A 397 -32.67 -9.38 25.09
CA LEU A 397 -33.33 -8.24 25.75
C LEU A 397 -32.30 -7.26 26.30
N GLU A 398 -31.23 -7.80 26.89
CA GLU A 398 -30.23 -7.00 27.64
C GLU A 398 -29.34 -6.24 26.65
N ILE A 399 -29.09 -6.83 25.48
CA ILE A 399 -28.36 -6.17 24.35
C ILE A 399 -29.25 -5.06 23.79
N VAL A 400 -30.51 -5.36 23.46
CA VAL A 400 -31.51 -4.37 23.00
C VAL A 400 -31.48 -3.17 23.96
N GLU A 401 -31.55 -3.43 25.26
CA GLU A 401 -31.62 -2.38 26.30
C GLU A 401 -30.35 -1.52 26.24
N VAL A 402 -29.18 -2.16 26.11
CA VAL A 402 -27.87 -1.44 26.11
C VAL A 402 -27.74 -0.63 24.82
N LEU A 403 -28.10 -1.20 23.68
CA LEU A 403 -28.07 -0.49 22.37
C LEU A 403 -28.90 0.78 22.48
N LEU A 404 -30.10 0.67 23.04
CA LEU A 404 -31.06 1.79 23.20
C LEU A 404 -30.51 2.82 24.20
N LYS A 405 -29.84 2.36 25.27
CA LYS A 405 -29.20 3.26 26.27
C LYS A 405 -28.19 4.17 25.56
N ASN A 406 -27.51 3.66 24.53
CA ASN A 406 -26.46 4.39 23.77
C ASN A 406 -27.05 5.03 22.50
N GLY A 407 -28.37 5.15 22.41
CA GLY A 407 -29.05 5.98 21.39
C GLY A 407 -29.08 5.31 20.03
N ALA A 408 -29.44 4.03 19.99
CA ALA A 408 -29.74 3.27 18.75
C ALA A 408 -31.05 3.79 18.15
N GLY A 409 -31.19 3.70 16.82
CA GLY A 409 -32.42 4.06 16.10
C GLY A 409 -33.51 3.04 16.33
N VAL A 410 -34.55 3.44 17.06
CA VAL A 410 -35.71 2.59 17.46
C VAL A 410 -36.50 2.22 16.20
N ASN A 411 -36.61 3.18 15.28
CA ASN A 411 -37.47 3.11 14.07
C ASN A 411 -36.60 3.10 12.82
N ALA A 412 -35.33 2.69 12.95
CA ALA A 412 -34.46 2.37 11.81
C ALA A 412 -35.13 1.26 11.00
N THR A 413 -35.21 1.40 9.67
CA THR A 413 -35.88 0.40 8.80
C THR A 413 -34.90 -0.09 7.72
N ASP A 414 -34.87 -1.39 7.48
CA ASP A 414 -33.96 -2.01 6.49
C ASP A 414 -34.51 -1.74 5.08
N VAL A 415 -33.91 -2.37 4.07
CA VAL A 415 -34.25 -2.20 2.63
C VAL A 415 -35.71 -2.61 2.38
N ILE A 416 -36.22 -3.57 3.15
CA ILE A 416 -37.62 -4.10 3.07
C ILE A 416 -38.56 -3.16 3.85
N GLY A 417 -38.03 -2.21 4.61
CA GLY A 417 -38.83 -1.32 5.49
C GLY A 417 -39.18 -1.99 6.80
N THR A 418 -38.49 -3.09 7.14
CA THR A 418 -38.58 -3.78 8.45
C THR A 418 -37.91 -2.94 9.54
N ALA A 419 -38.67 -2.63 10.61
CA ALA A 419 -38.18 -2.00 11.86
C ALA A 419 -37.86 -3.09 12.88
N PRO A 420 -37.04 -2.81 13.91
CA PRO A 420 -36.74 -3.81 14.94
C PRO A 420 -38.01 -4.42 15.57
N LEU A 421 -39.07 -3.60 15.75
CA LEU A 421 -40.35 -4.02 16.38
C LEU A 421 -41.03 -5.08 15.50
N HIS A 422 -40.84 -5.02 14.18
CA HIS A 422 -41.33 -6.08 13.25
C HIS A 422 -40.70 -7.41 13.67
N LEU A 423 -39.37 -7.44 13.77
CA LEU A 423 -38.59 -8.67 14.04
C LEU A 423 -38.95 -9.23 15.42
N ALA A 424 -39.01 -8.38 16.45
CA ALA A 424 -39.38 -8.77 17.83
C ALA A 424 -40.76 -9.43 17.82
N ALA A 425 -41.72 -8.84 17.11
CA ALA A 425 -43.13 -9.29 17.03
C ALA A 425 -43.23 -10.58 16.21
N MET A 426 -42.48 -10.67 15.11
CA MET A 426 -42.50 -11.84 14.21
C MET A 426 -41.96 -13.08 14.93
N TRP A 427 -40.95 -12.90 15.80
CA TRP A 427 -40.21 -14.01 16.45
C TRP A 427 -40.53 -14.10 17.94
N GLY A 428 -41.53 -13.34 18.40
CA GLY A 428 -42.23 -13.55 19.68
C GLY A 428 -41.37 -13.17 20.88
N HIS A 429 -40.73 -12.01 20.84
CA HIS A 429 -39.88 -11.48 21.94
C HIS A 429 -40.64 -10.39 22.69
N LEU A 430 -41.70 -10.79 23.39
CA LEU A 430 -42.63 -9.90 24.12
C LEU A 430 -41.85 -8.84 24.92
N GLU A 431 -40.86 -9.23 25.72
CA GLU A 431 -40.13 -8.28 26.58
C GLU A 431 -39.47 -7.22 25.68
N ILE A 432 -38.88 -7.64 24.56
CA ILE A 432 -38.24 -6.71 23.56
C ILE A 432 -39.33 -5.78 22.98
N VAL A 433 -40.47 -6.35 22.57
CA VAL A 433 -41.62 -5.55 22.04
C VAL A 433 -41.93 -4.45 23.06
N GLU A 434 -42.09 -4.82 24.34
CA GLU A 434 -42.50 -3.88 25.42
C GLU A 434 -41.45 -2.77 25.56
N VAL A 435 -40.15 -3.10 25.58
CA VAL A 435 -39.09 -2.07 25.77
C VAL A 435 -38.96 -1.25 24.47
N LEU A 436 -39.18 -1.87 23.32
CA LEU A 436 -39.10 -1.14 22.02
C LEU A 436 -40.22 -0.11 22.01
N LEU A 437 -41.44 -0.57 22.30
CA LEU A 437 -42.66 0.29 22.33
C LEU A 437 -42.39 1.48 23.25
N LYS A 438 -41.89 1.25 24.47
CA LYS A 438 -41.74 2.32 25.48
C LYS A 438 -40.50 3.18 25.20
N ASN A 439 -39.67 2.83 24.21
CA ASN A 439 -38.54 3.69 23.74
C ASN A 439 -38.91 4.46 22.48
N GLY A 440 -40.20 4.49 22.11
CA GLY A 440 -40.75 5.35 21.05
C GLY A 440 -40.87 4.65 19.70
N ALA A 441 -40.90 3.32 19.68
CA ALA A 441 -41.12 2.51 18.46
C ALA A 441 -42.48 2.90 17.87
N ASP A 442 -42.53 3.19 16.56
CA ASP A 442 -43.80 3.35 15.81
C ASP A 442 -44.46 1.97 15.76
N VAL A 443 -45.54 1.80 16.54
CA VAL A 443 -46.36 0.55 16.60
C VAL A 443 -46.89 0.23 15.19
N ASN A 444 -47.14 1.26 14.36
CA ASN A 444 -47.88 1.17 13.08
C ASN A 444 -46.92 1.23 11.87
N ALA A 445 -45.62 0.96 12.06
CA ALA A 445 -44.64 0.95 10.96
C ALA A 445 -44.99 -0.18 9.97
N GLN A 446 -44.80 0.06 8.67
CA GLN A 446 -45.18 -0.87 7.58
C GLN A 446 -43.99 -1.11 6.64
N ASP A 447 -43.73 -2.37 6.30
CA ASP A 447 -42.65 -2.76 5.36
C ASP A 447 -43.15 -2.56 3.93
N LYS A 448 -42.30 -2.89 2.94
CA LYS A 448 -42.64 -2.87 1.50
C LYS A 448 -44.03 -3.49 1.30
N PHE A 449 -44.31 -4.62 1.98
CA PHE A 449 -45.55 -5.43 1.81
C PHE A 449 -46.63 -4.98 2.81
N GLY A 450 -46.47 -3.80 3.41
CA GLY A 450 -47.51 -3.12 4.21
C GLY A 450 -47.86 -3.81 5.52
N LYS A 451 -47.09 -4.85 5.90
CA LYS A 451 -47.31 -5.65 7.13
C LYS A 451 -46.83 -4.84 8.34
N THR A 452 -47.66 -4.73 9.37
CA THR A 452 -47.31 -4.10 10.67
C THR A 452 -46.71 -5.16 11.58
N PRO A 453 -45.99 -4.74 12.65
CA PRO A 453 -45.57 -5.68 13.69
C PRO A 453 -46.76 -6.58 14.06
N PHE A 454 -47.91 -5.98 14.36
CA PHE A 454 -49.18 -6.66 14.74
C PHE A 454 -49.57 -7.72 13.71
N ASP A 455 -49.50 -7.40 12.41
CA ASP A 455 -49.82 -8.34 11.31
C ASP A 455 -48.87 -9.54 11.40
N LEU A 456 -47.57 -9.26 11.49
CA LEU A 456 -46.50 -10.28 11.64
C LEU A 456 -46.77 -11.12 12.90
N ALA A 457 -47.19 -10.48 13.99
CA ALA A 457 -47.48 -11.12 15.30
C ALA A 457 -48.55 -12.19 15.10
N ILE A 458 -49.54 -11.90 14.25
CA ILE A 458 -50.76 -12.73 14.02
C ILE A 458 -50.44 -13.82 13.00
N ASP A 459 -49.80 -13.47 11.88
CA ASP A 459 -49.30 -14.44 10.87
C ASP A 459 -48.64 -15.63 11.58
N ASN A 460 -47.78 -15.37 12.57
CA ASN A 460 -46.94 -16.40 13.23
C ASN A 460 -47.63 -16.95 14.48
N GLY A 461 -48.52 -16.18 15.11
CA GLY A 461 -49.43 -16.67 16.17
C GLY A 461 -49.03 -16.21 17.57
N ASN A 462 -48.61 -14.96 17.71
CA ASN A 462 -48.11 -14.38 19.00
C ASN A 462 -49.20 -13.49 19.58
N GLU A 463 -50.21 -14.14 20.20
CA GLU A 463 -51.47 -13.52 20.68
C GLU A 463 -51.20 -12.47 21.77
N ASP A 464 -50.28 -12.76 22.69
CA ASP A 464 -49.94 -11.87 23.84
C ASP A 464 -49.34 -10.57 23.28
N ILE A 465 -48.49 -10.68 22.26
CA ILE A 465 -47.82 -9.52 21.60
C ILE A 465 -48.88 -8.73 20.84
N ALA A 466 -49.52 -9.36 19.85
CA ALA A 466 -50.63 -8.83 19.04
C ALA A 466 -51.59 -8.00 19.91
N GLU A 467 -51.92 -8.50 21.11
CA GLU A 467 -52.81 -7.83 22.09
C GLU A 467 -52.14 -6.55 22.62
N VAL A 468 -50.85 -6.64 23.00
CA VAL A 468 -50.05 -5.48 23.49
C VAL A 468 -50.04 -4.42 22.39
N LEU A 469 -49.78 -4.85 21.15
CA LEU A 469 -49.68 -3.96 19.96
C LEU A 469 -51.04 -3.29 19.68
N GLN A 470 -52.12 -4.06 19.64
CA GLN A 470 -53.46 -3.56 19.25
C GLN A 470 -53.95 -2.52 20.27
N LYS A 471 -53.61 -2.70 21.56
CA LYS A 471 -53.94 -1.73 22.64
C LYS A 471 -53.16 -0.43 22.40
N ALA A 472 -51.90 -0.55 21.96
CA ALA A 472 -51.03 0.58 21.60
C ALA A 472 -51.64 1.31 20.39
N ALA A 473 -52.02 0.56 19.35
CA ALA A 473 -52.71 1.05 18.14
C ALA A 473 -53.97 1.83 18.55
N THR A 474 -54.79 1.22 19.41
CA THR A 474 -56.05 1.79 19.94
C THR A 474 -55.76 3.09 20.70
N ARG A 475 -54.73 3.09 21.56
CA ARG A 475 -54.37 4.24 22.41
C ARG A 475 -54.15 5.46 21.49
N GLU A 476 -53.47 5.25 20.37
CA GLU A 476 -53.10 6.31 19.40
C GLU A 476 -54.34 6.83 18.67
N LEU A 477 -55.29 5.94 18.33
CA LEU A 477 -56.59 6.33 17.74
C LEU A 477 -57.26 7.34 18.66
N GLU A 478 -57.42 7.00 19.94
CA GLU A 478 -58.06 7.85 20.98
C GLU A 478 -57.44 9.25 20.93
N VAL A 479 -56.11 9.35 20.79
CA VAL A 479 -55.35 10.63 20.82
C VAL A 479 -55.80 11.52 19.66
N LEU A 480 -56.00 10.93 18.47
CA LEU A 480 -56.45 11.67 17.26
C LEU A 480 -57.82 12.29 17.51
N PHE A 481 -58.72 11.55 18.16
CA PHE A 481 -60.15 11.92 18.33
C PHE A 481 -60.35 12.75 19.61
N GLN A 482 -59.26 13.33 20.15
CA GLN A 482 -59.30 14.26 21.30
C GLN A 482 -57.90 14.84 21.51
N ARG B 2 34.02 14.78 -25.96
CA ARG B 2 33.09 13.65 -25.58
C ARG B 2 33.55 13.07 -24.25
N PRO B 3 32.63 12.83 -23.28
CA PRO B 3 33.01 12.20 -22.01
C PRO B 3 33.26 10.69 -22.15
N TYR B 4 33.98 10.11 -21.20
CA TYR B 4 34.36 8.67 -21.17
C TYR B 4 33.62 7.93 -20.03
N ILE B 5 33.12 8.66 -19.03
CA ILE B 5 32.34 8.08 -17.90
C ILE B 5 30.86 8.00 -18.28
N LEU B 6 30.26 6.81 -18.20
CA LEU B 6 28.82 6.55 -18.46
C LEU B 6 28.09 6.34 -17.12
#